data_5W7T
#
_entry.id   5W7T
#
_cell.length_a   45.175
_cell.length_b   62.230
_cell.length_c   120.899
_cell.angle_alpha   90.00
_cell.angle_beta   92.26
_cell.angle_gamma   90.00
#
_symmetry.space_group_name_H-M   'P 1 21 1'
#
loop_
_entity.id
_entity.type
_entity.pdbx_description
1 polymer 'Serine/threonine-protein kinase WNK1'
2 non-polymer 'PHOSPHOAMINOPHOSPHONIC ACID-ADENYLATE ESTER'
3 water water
#
_entity_poly.entity_id   1
_entity_poly.type   'polypeptide(L)'
_entity_poly.pdbx_seq_one_letter_code
;GAMDKAVGMSNDGRFLKFDIEIGRGSFKTVYKGLDTETTVEVAWCELQDRKLTKSERQRFKEEAEMLKGLQHPNIVRFYD
SWESTVKGKKCIVLVTELMTSGTLKTYLKRFKVMKIKVLRSWCRQILKGLQFLHTRTPPIIHRDLKCDNIFITGPTGSVK
IGDLGLATLKRASFAK(SEP)VIGTPEFMAPEMYEEKYDESVDVYAFGMCMLEMATSEYPYSECQNAAQIYRRVTSGVKP
ASFDKVAIPEVKEIIEGCIRQNKDERYSIKDLLNHAFFQEE
;
_entity_poly.pdbx_strand_id   A,B
#
# COMPACT_ATOMS: atom_id res chain seq x y z
N GLY A 1 6.19 18.65 -39.31
CA GLY A 1 5.30 19.04 -38.19
C GLY A 1 5.22 18.09 -37.00
N ALA A 2 4.07 18.21 -36.33
CA ALA A 2 3.78 17.55 -35.09
C ALA A 2 3.97 16.06 -35.19
N MET A 3 3.46 15.47 -36.29
CA MET A 3 3.59 14.03 -36.56
C MET A 3 4.95 13.55 -37.02
N ASP A 4 5.88 14.48 -37.24
CA ASP A 4 7.24 14.09 -37.59
C ASP A 4 8.18 14.04 -36.38
N LYS A 5 7.73 14.49 -35.18
CA LYS A 5 8.54 14.54 -33.97
C LYS A 5 8.12 13.49 -32.96
N ALA A 6 8.64 12.27 -33.12
CA ALA A 6 8.36 11.20 -32.18
C ALA A 6 9.30 11.37 -31.03
N VAL A 7 8.77 11.81 -29.88
CA VAL A 7 9.55 12.20 -28.71
C VAL A 7 9.56 11.09 -27.66
N GLY A 8 9.11 9.88 -28.02
CA GLY A 8 9.12 8.78 -27.06
C GLY A 8 8.81 7.50 -27.81
N MET A 9 9.16 6.38 -27.20
CA MET A 9 8.87 5.13 -27.81
C MET A 9 8.82 3.99 -26.79
N SER A 10 8.03 2.94 -27.06
CA SER A 10 8.09 1.74 -26.25
C SER A 10 9.42 1.02 -26.58
N ASN A 11 9.86 0.12 -25.72
CA ASN A 11 11.18 -0.48 -25.91
C ASN A 11 11.35 -1.13 -27.27
N ASP A 12 10.29 -1.79 -27.73
CA ASP A 12 10.25 -2.50 -29.02
C ASP A 12 10.14 -1.63 -30.25
N GLY A 13 9.91 -0.33 -30.08
CA GLY A 13 9.63 0.51 -31.22
C GLY A 13 8.26 0.37 -31.76
N ARG A 14 7.39 -0.41 -31.10
CA ARG A 14 5.99 -0.50 -31.57
C ARG A 14 5.20 0.81 -31.49
N PHE A 15 5.29 1.46 -30.33
CA PHE A 15 4.50 2.68 -30.05
C PHE A 15 5.40 3.86 -30.00
N LEU A 16 4.96 4.91 -30.66
CA LEU A 16 5.62 6.19 -30.65
C LEU A 16 4.75 7.22 -29.99
N LYS A 17 5.39 8.18 -29.34
CA LYS A 17 4.70 9.36 -28.71
C LYS A 17 5.00 10.62 -29.45
N PHE A 18 3.97 11.38 -29.77
CA PHE A 18 4.12 12.74 -30.29
C PHE A 18 3.73 13.73 -29.21
N ASP A 19 4.24 14.93 -29.35
CA ASP A 19 4.08 16.00 -28.34
C ASP A 19 2.75 16.72 -28.58
N ILE A 20 1.67 15.94 -28.60
CA ILE A 20 0.39 16.45 -28.95
C ILE A 20 -0.45 16.09 -27.76
N GLU A 21 -0.70 17.05 -26.89
CA GLU A 21 -1.42 16.80 -25.65
C GLU A 21 -2.90 16.88 -25.98
N ILE A 22 -3.60 15.76 -25.83
CA ILE A 22 -5.00 15.76 -26.19
C ILE A 22 -5.92 15.86 -24.97
N GLY A 23 -5.43 15.59 -23.77
CA GLY A 23 -6.16 15.99 -22.58
C GLY A 23 -5.37 15.74 -21.34
N ARG A 24 -5.90 16.23 -20.23
CA ARG A 24 -5.27 16.10 -18.95
C ARG A 24 -6.29 16.16 -17.81
N GLY A 25 -6.09 15.30 -16.83
CA GLY A 25 -6.92 15.23 -15.64
C GLY A 25 -5.98 15.23 -14.46
N SER A 26 -6.47 14.80 -13.33
CA SER A 26 -5.62 14.77 -12.13
C SER A 26 -4.92 13.46 -11.98
N PHE A 27 -5.26 12.48 -12.80
CA PHE A 27 -4.60 11.15 -12.76
C PHE A 27 -3.62 10.86 -13.94
N LYS A 28 -3.89 11.43 -15.10
CA LYS A 28 -3.42 10.98 -16.42
C LYS A 28 -3.18 12.20 -17.30
N THR A 29 -2.10 12.28 -18.08
CA THR A 29 -2.02 13.18 -19.28
C THR A 29 -2.06 12.33 -20.57
N VAL A 30 -2.86 12.71 -21.59
CA VAL A 30 -3.06 11.93 -22.77
C VAL A 30 -2.47 12.65 -23.98
N TYR A 31 -1.63 11.93 -24.69
CA TYR A 31 -0.93 12.40 -25.87
C TYR A 31 -1.33 11.53 -27.04
N LYS A 32 -1.27 12.08 -28.23
CA LYS A 32 -1.50 11.28 -29.43
C LYS A 32 -0.25 10.46 -29.67
N GLY A 33 -0.44 9.19 -30.02
CA GLY A 33 0.67 8.29 -30.31
C GLY A 33 0.39 7.48 -31.55
N LEU A 34 1.35 6.68 -31.94
CA LEU A 34 1.18 5.87 -33.16
C LEU A 34 1.57 4.47 -32.87
N ASP A 35 0.77 3.52 -33.38
CA ASP A 35 1.06 2.13 -33.40
C ASP A 35 1.71 1.81 -34.76
N THR A 36 3.04 1.62 -34.76
CA THR A 36 3.83 1.47 -36.01
C THR A 36 3.56 0.18 -36.70
N GLU A 37 3.15 -0.83 -35.93
CA GLU A 37 2.75 -2.14 -36.45
C GLU A 37 1.41 -2.19 -37.24
N THR A 38 0.38 -1.46 -36.82
CA THR A 38 -0.87 -1.43 -37.55
C THR A 38 -1.10 -0.10 -38.27
N THR A 39 -0.25 0.89 -38.06
CA THR A 39 -0.46 2.25 -38.49
C THR A 39 -1.65 3.04 -37.82
N VAL A 40 -2.31 2.50 -36.79
CA VAL A 40 -3.42 3.27 -36.21
C VAL A 40 -2.87 4.20 -35.13
N GLU A 41 -3.51 5.32 -34.99
CA GLU A 41 -3.24 6.19 -33.90
C GLU A 41 -3.80 5.67 -32.60
N VAL A 42 -3.09 5.94 -31.51
CA VAL A 42 -3.43 5.47 -30.21
C VAL A 42 -3.32 6.63 -29.22
N ALA A 43 -3.83 6.39 -28.02
CA ALA A 43 -3.71 7.29 -26.94
C ALA A 43 -2.55 6.80 -26.04
N TRP A 44 -1.58 7.68 -25.86
CA TRP A 44 -0.40 7.44 -25.06
C TRP A 44 -0.62 8.26 -23.80
N CYS A 45 -0.89 7.57 -22.68
CA CYS A 45 -1.24 8.20 -21.43
C CYS A 45 -0.12 8.07 -20.39
N GLU A 46 0.15 9.15 -19.70
CA GLU A 46 1.22 9.23 -18.75
C GLU A 46 0.62 9.58 -17.40
N LEU A 47 0.94 8.79 -16.38
CA LEU A 47 0.33 8.99 -15.06
C LEU A 47 1.01 10.18 -14.41
N GLN A 48 0.23 11.08 -13.76
CA GLN A 48 0.83 12.29 -13.08
C GLN A 48 1.69 11.92 -11.86
N ASP A 49 1.32 10.83 -11.17
CA ASP A 49 2.02 10.44 -9.95
C ASP A 49 3.28 9.65 -10.30
N ARG A 50 4.43 10.26 -9.99
CA ARG A 50 5.75 9.68 -10.23
C ARG A 50 6.40 9.08 -8.94
N LYS A 51 5.60 8.91 -7.91
CA LYS A 51 6.05 8.44 -6.59
C LYS A 51 5.15 7.34 -6.02
N LEU A 52 4.69 6.48 -6.93
CA LEU A 52 4.00 5.27 -6.53
C LEU A 52 4.99 4.27 -5.92
N THR A 53 4.62 3.61 -4.85
CA THR A 53 5.53 2.59 -4.26
C THR A 53 5.79 1.47 -5.21
N LYS A 54 6.88 0.77 -4.99
CA LYS A 54 7.29 -0.37 -5.77
C LYS A 54 6.11 -1.38 -5.81
N SER A 55 5.48 -1.56 -4.67
CA SER A 55 4.41 -2.52 -4.56
C SER A 55 3.17 -2.11 -5.40
N GLU A 56 2.82 -0.82 -5.45
CA GLU A 56 1.71 -0.33 -6.28
C GLU A 56 1.97 -0.63 -7.78
N ARG A 57 3.21 -0.43 -8.19
CA ARG A 57 3.61 -0.52 -9.58
C ARG A 57 3.66 -1.97 -9.98
N GLN A 58 4.13 -2.78 -9.04
CA GLN A 58 4.12 -4.22 -9.25
C GLN A 58 2.69 -4.79 -9.42
N ARG A 59 1.77 -4.39 -8.56
CA ARG A 59 0.40 -4.85 -8.67
C ARG A 59 -0.16 -4.38 -10.00
N PHE A 60 0.18 -3.16 -10.44
CA PHE A 60 -0.41 -2.67 -11.70
C PHE A 60 0.14 -3.43 -12.91
N LYS A 61 1.41 -3.76 -12.87
CA LYS A 61 2.02 -4.63 -13.89
C LYS A 61 1.25 -5.94 -14.13
N GLU A 62 0.83 -6.59 -13.06
CA GLU A 62 0.01 -7.79 -13.08
C GLU A 62 -1.39 -7.46 -13.67
N GLU A 63 -1.97 -6.37 -13.22
CA GLU A 63 -3.24 -5.92 -13.78
C GLU A 63 -3.14 -5.68 -15.32
N ALA A 64 -2.10 -4.99 -15.78
CA ALA A 64 -1.97 -4.64 -17.20
C ALA A 64 -1.84 -5.89 -18.07
N GLU A 65 -1.23 -6.92 -17.53
CA GLU A 65 -1.16 -8.20 -18.22
C GLU A 65 -2.52 -8.82 -18.53
N MET A 66 -3.40 -8.83 -17.57
CA MET A 66 -4.77 -9.23 -17.78
C MET A 66 -5.50 -8.28 -18.76
N LEU A 67 -5.42 -6.96 -18.49
CA LEU A 67 -6.09 -5.98 -19.41
C LEU A 67 -5.69 -6.12 -20.89
N LYS A 68 -4.41 -6.37 -21.12
CA LYS A 68 -3.83 -6.53 -22.48
C LYS A 68 -4.35 -7.75 -23.26
N GLY A 69 -4.87 -8.76 -22.57
CA GLY A 69 -5.49 -9.92 -23.21
C GLY A 69 -7.02 -9.89 -23.27
N LEU A 70 -7.64 -8.75 -22.97
CA LEU A 70 -9.12 -8.62 -23.01
C LEU A 70 -9.47 -7.72 -24.16
N GLN A 71 -10.53 -8.04 -24.87
CA GLN A 71 -10.96 -7.21 -25.95
C GLN A 71 -12.46 -7.46 -26.15
N HIS A 72 -13.21 -6.41 -26.55
CA HIS A 72 -14.66 -6.45 -26.85
C HIS A 72 -14.99 -5.13 -27.57
N PRO A 73 -15.83 -5.11 -28.60
CA PRO A 73 -16.06 -3.87 -29.30
C PRO A 73 -16.71 -2.74 -28.52
N ASN A 74 -17.28 -3.01 -27.37
CA ASN A 74 -17.77 -1.96 -26.48
C ASN A 74 -16.89 -1.68 -25.29
N ILE A 75 -15.63 -2.04 -25.37
CA ILE A 75 -14.64 -1.73 -24.32
C ILE A 75 -13.44 -1.08 -25.02
N VAL A 76 -13.00 0.06 -24.49
CA VAL A 76 -11.81 0.74 -25.02
C VAL A 76 -10.65 -0.24 -24.88
N ARG A 77 -9.95 -0.45 -25.99
CA ARG A 77 -8.91 -1.43 -26.01
C ARG A 77 -7.67 -0.94 -25.25
N PHE A 78 -7.14 -1.81 -24.41
CA PHE A 78 -5.91 -1.59 -23.67
C PHE A 78 -4.73 -2.34 -24.41
N TYR A 79 -3.70 -1.62 -24.88
CA TYR A 79 -2.60 -2.22 -25.68
C TYR A 79 -1.45 -2.62 -24.81
N ASP A 80 -0.92 -1.72 -24.02
CA ASP A 80 0.28 -2.05 -23.28
C ASP A 80 0.54 -1.04 -22.16
N SER A 81 1.46 -1.37 -21.27
CA SER A 81 1.89 -0.44 -20.26
C SER A 81 3.29 -0.82 -19.81
N TRP A 82 4.05 0.18 -19.47
CA TRP A 82 5.41 0.03 -18.96
C TRP A 82 5.76 1.26 -18.14
N GLU A 83 6.90 1.19 -17.45
CA GLU A 83 7.44 2.26 -16.65
C GLU A 83 8.58 2.91 -17.44
N SER A 84 8.51 4.20 -17.75
CA SER A 84 9.65 4.92 -18.37
C SER A 84 10.43 5.65 -17.30
N THR A 85 11.69 5.93 -17.54
CA THR A 85 12.37 6.74 -16.55
C THR A 85 12.43 8.17 -17.02
N VAL A 86 11.66 9.05 -16.37
CA VAL A 86 11.64 10.46 -16.71
C VAL A 86 12.09 11.21 -15.48
N LYS A 87 13.10 12.06 -15.65
CA LYS A 87 13.66 12.84 -14.53
C LYS A 87 14.07 11.88 -13.42
N GLY A 88 13.62 12.15 -12.20
CA GLY A 88 13.94 11.30 -11.07
C GLY A 88 12.98 10.18 -10.72
N LYS A 89 11.85 10.04 -11.41
CA LYS A 89 10.89 8.99 -11.06
C LYS A 89 10.19 8.19 -12.16
N LYS A 90 9.84 6.95 -11.82
CA LYS A 90 9.14 6.02 -12.66
C LYS A 90 7.74 6.46 -13.08
N CYS A 91 7.69 7.01 -14.27
CA CYS A 91 6.46 7.41 -14.97
C CYS A 91 5.80 6.23 -15.67
N ILE A 92 4.57 5.86 -15.27
CA ILE A 92 3.85 4.80 -15.89
C ILE A 92 3.13 5.31 -17.15
N VAL A 93 3.29 4.54 -18.22
CA VAL A 93 2.71 4.84 -19.51
C VAL A 93 1.66 3.81 -19.76
N LEU A 94 0.50 4.19 -20.30
CA LEU A 94 -0.48 3.23 -20.76
C LEU A 94 -0.80 3.57 -22.19
N VAL A 95 -0.95 2.57 -23.04
CA VAL A 95 -1.32 2.82 -24.39
C VAL A 95 -2.67 2.18 -24.62
N THR A 96 -3.61 2.98 -25.10
CA THR A 96 -4.98 2.55 -25.36
C THR A 96 -5.50 3.03 -26.70
N GLU A 97 -6.60 2.45 -27.11
CA GLU A 97 -7.35 2.96 -28.24
C GLU A 97 -7.63 4.45 -28.09
N LEU A 98 -7.42 5.18 -29.17
CA LEU A 98 -7.70 6.60 -29.21
C LEU A 98 -9.20 6.86 -29.47
N MET A 99 -9.85 7.57 -28.60
CA MET A 99 -11.27 7.89 -28.76
C MET A 99 -11.37 9.36 -29.23
N THR A 100 -11.90 9.57 -30.43
CA THR A 100 -11.83 10.86 -31.14
C THR A 100 -13.08 11.74 -30.93
N SER A 101 -14.08 11.26 -30.21
CA SER A 101 -15.37 11.91 -30.16
C SER A 101 -15.86 12.17 -28.76
N GLY A 102 -15.00 12.15 -27.80
CA GLY A 102 -15.40 12.39 -26.42
C GLY A 102 -16.30 11.37 -25.75
N THR A 103 -17.02 11.82 -24.73
CA THR A 103 -17.74 10.92 -23.80
C THR A 103 -19.18 11.16 -23.85
N LEU A 104 -19.93 10.30 -23.14
CA LEU A 104 -21.31 10.54 -22.93
C LEU A 104 -21.55 11.85 -22.26
N LYS A 105 -20.68 12.23 -21.34
CA LYS A 105 -20.90 13.41 -20.56
C LYS A 105 -20.81 14.64 -21.50
N THR A 106 -19.83 14.65 -22.40
CA THR A 106 -19.69 15.79 -23.33
C THR A 106 -20.78 15.78 -24.39
N TYR A 107 -21.19 14.61 -24.84
CA TYR A 107 -22.40 14.47 -25.71
C TYR A 107 -23.65 15.13 -25.06
N LEU A 108 -23.91 14.83 -23.80
CA LEU A 108 -25.05 15.44 -23.11
C LEU A 108 -24.93 16.99 -23.01
N LYS A 109 -23.72 17.51 -22.84
CA LYS A 109 -23.51 18.95 -22.76
C LYS A 109 -23.75 19.58 -24.15
N ARG A 110 -23.35 18.88 -25.20
CA ARG A 110 -23.51 19.35 -26.54
C ARG A 110 -24.95 19.31 -27.05
N PHE A 111 -25.62 18.18 -26.88
CA PHE A 111 -26.96 18.06 -27.41
C PHE A 111 -28.06 18.44 -26.39
N LYS A 112 -27.69 18.61 -25.11
CA LYS A 112 -28.55 19.09 -24.00
C LYS A 112 -29.39 17.95 -23.41
N VAL A 113 -30.11 17.23 -24.28
CA VAL A 113 -30.92 16.07 -23.92
C VAL A 113 -30.50 14.91 -24.86
N MET A 114 -30.65 13.67 -24.38
CA MET A 114 -30.58 12.47 -25.21
C MET A 114 -31.98 11.94 -25.61
N LYS A 115 -32.24 11.83 -26.93
CA LYS A 115 -33.45 11.16 -27.52
C LYS A 115 -33.57 9.74 -26.97
N ILE A 116 -34.77 9.21 -26.82
CA ILE A 116 -34.94 7.98 -26.05
C ILE A 116 -34.42 6.78 -26.89
N LYS A 117 -34.43 6.87 -28.22
CA LYS A 117 -33.82 5.84 -29.06
C LYS A 117 -32.32 5.73 -28.86
N VAL A 118 -31.64 6.88 -28.68
CA VAL A 118 -30.21 6.93 -28.45
C VAL A 118 -29.79 6.41 -27.07
N LEU A 119 -30.55 6.80 -26.07
CA LEU A 119 -30.46 6.25 -24.71
C LEU A 119 -30.53 4.76 -24.69
N ARG A 120 -31.56 4.21 -25.32
CA ARG A 120 -31.81 2.76 -25.31
C ARG A 120 -30.65 2.03 -25.95
N SER A 121 -30.13 2.55 -27.04
CA SER A 121 -29.08 1.91 -27.80
C SER A 121 -27.73 1.97 -27.05
N TRP A 122 -27.41 3.11 -26.53
CA TRP A 122 -26.19 3.20 -25.79
C TRP A 122 -26.25 2.43 -24.48
N CYS A 123 -27.36 2.49 -23.75
CA CYS A 123 -27.45 1.71 -22.49
C CYS A 123 -27.36 0.24 -22.75
N ARG A 124 -27.97 -0.21 -23.83
CA ARG A 124 -27.81 -1.59 -24.23
C ARG A 124 -26.37 -1.97 -24.51
N GLN A 125 -25.58 -1.15 -25.21
CA GLN A 125 -24.18 -1.47 -25.47
C GLN A 125 -23.32 -1.46 -24.21
N ILE A 126 -23.63 -0.60 -23.25
CA ILE A 126 -22.90 -0.59 -21.98
C ILE A 126 -23.16 -1.89 -21.28
N LEU A 127 -24.40 -2.31 -21.32
CA LEU A 127 -24.82 -3.54 -20.66
C LEU A 127 -24.16 -4.81 -21.30
N LYS A 128 -24.06 -4.84 -22.62
CA LYS A 128 -23.34 -5.92 -23.31
C LYS A 128 -21.89 -5.97 -22.88
N GLY A 129 -21.26 -4.83 -22.77
CA GLY A 129 -19.84 -4.79 -22.35
C GLY A 129 -19.69 -5.27 -20.93
N LEU A 130 -20.56 -4.81 -20.03
CA LEU A 130 -20.48 -5.25 -18.63
C LEU A 130 -20.77 -6.70 -18.50
N GLN A 131 -21.77 -7.14 -19.27
CA GLN A 131 -22.11 -8.56 -19.29
C GLN A 131 -20.92 -9.42 -19.82
N PHE A 132 -20.22 -8.94 -20.81
CA PHE A 132 -19.01 -9.66 -21.22
C PHE A 132 -18.01 -9.76 -20.04
N LEU A 133 -17.75 -8.64 -19.37
CA LEU A 133 -16.75 -8.61 -18.30
C LEU A 133 -17.14 -9.55 -17.14
N HIS A 134 -18.43 -9.52 -16.77
CA HIS A 134 -18.98 -10.29 -15.68
C HIS A 134 -18.99 -11.79 -15.98
N THR A 135 -19.04 -12.17 -17.26
CA THR A 135 -19.07 -13.58 -17.61
C THR A 135 -17.67 -14.10 -17.97
N ARG A 136 -16.59 -13.34 -17.85
CA ARG A 136 -15.28 -13.97 -17.98
C ARG A 136 -14.99 -14.91 -16.78
N THR A 137 -13.98 -15.78 -16.93
CA THR A 137 -13.44 -16.63 -15.84
C THR A 137 -12.00 -16.26 -15.51
N PRO A 138 -11.77 -15.75 -14.34
CA PRO A 138 -12.80 -15.29 -13.46
C PRO A 138 -13.49 -13.99 -13.95
N PRO A 139 -14.56 -13.58 -13.28
CA PRO A 139 -15.28 -12.32 -13.59
C PRO A 139 -14.46 -11.09 -13.35
N ILE A 140 -14.67 -10.09 -14.19
CA ILE A 140 -13.96 -8.82 -14.06
C ILE A 140 -15.04 -7.83 -13.68
N ILE A 141 -14.82 -7.06 -12.61
CA ILE A 141 -15.75 -6.01 -12.20
C ILE A 141 -15.05 -4.71 -12.52
N HIS A 142 -15.76 -3.78 -13.14
CA HIS A 142 -15.13 -2.48 -13.53
C HIS A 142 -14.84 -1.59 -12.31
N ARG A 143 -15.84 -1.40 -11.47
CA ARG A 143 -15.79 -0.60 -10.20
C ARG A 143 -15.80 0.90 -10.24
N ASP A 144 -15.65 1.48 -11.43
CA ASP A 144 -15.48 2.93 -11.61
C ASP A 144 -16.24 3.43 -12.85
N LEU A 145 -17.37 2.78 -13.13
CA LEU A 145 -18.20 3.15 -14.27
C LEU A 145 -18.88 4.53 -14.03
N LYS A 146 -18.73 5.44 -14.99
CA LYS A 146 -19.48 6.70 -15.00
C LYS A 146 -19.49 7.34 -16.38
N CYS A 147 -20.31 8.36 -16.56
CA CYS A 147 -20.50 8.92 -17.85
C CYS A 147 -19.25 9.56 -18.38
N ASP A 148 -18.45 10.04 -17.45
CA ASP A 148 -17.16 10.61 -17.77
C ASP A 148 -16.15 9.60 -18.38
N ASN A 149 -16.32 8.29 -18.20
CA ASN A 149 -15.34 7.37 -18.82
C ASN A 149 -15.99 6.40 -19.78
N ILE A 150 -17.16 6.79 -20.33
CA ILE A 150 -17.84 6.08 -21.37
C ILE A 150 -17.67 6.90 -22.66
N PHE A 151 -17.02 6.36 -23.65
CA PHE A 151 -16.64 7.13 -24.83
C PHE A 151 -17.55 6.80 -26.02
N ILE A 152 -17.67 7.70 -26.98
CA ILE A 152 -18.40 7.40 -28.20
C ILE A 152 -17.47 7.49 -29.39
N THR A 153 -17.77 6.68 -30.42
CA THR A 153 -17.00 6.69 -31.68
C THR A 153 -17.55 7.79 -32.66
N GLY A 154 -18.71 8.35 -32.33
CA GLY A 154 -19.31 9.50 -33.04
C GLY A 154 -20.75 9.76 -32.54
N PRO A 155 -21.31 10.95 -32.85
CA PRO A 155 -22.65 11.27 -32.31
C PRO A 155 -23.77 10.26 -32.65
N THR A 156 -23.56 9.44 -33.69
CA THR A 156 -24.48 8.38 -34.08
C THR A 156 -23.73 7.05 -34.20
N GLY A 157 -22.69 6.87 -33.38
CA GLY A 157 -21.87 5.68 -33.41
C GLY A 157 -22.15 4.82 -32.17
N SER A 158 -21.08 4.29 -31.60
CA SER A 158 -21.21 3.25 -30.59
C SER A 158 -20.38 3.64 -29.36
N VAL A 159 -20.70 2.98 -28.27
CA VAL A 159 -20.19 3.34 -27.02
C VAL A 159 -19.04 2.42 -26.66
N LYS A 160 -17.99 2.92 -26.02
CA LYS A 160 -17.00 2.06 -25.41
C LYS A 160 -16.72 2.44 -23.97
N ILE A 161 -16.70 1.42 -23.12
CA ILE A 161 -16.41 1.63 -21.72
C ILE A 161 -14.90 1.81 -21.56
N GLY A 162 -14.51 2.90 -20.92
CA GLY A 162 -13.10 3.21 -20.63
C GLY A 162 -12.68 2.98 -19.18
N ASP A 163 -11.38 3.08 -18.92
CA ASP A 163 -10.78 3.00 -17.59
C ASP A 163 -10.87 1.61 -16.92
N LEU A 164 -11.11 0.56 -17.69
CA LEU A 164 -11.16 -0.75 -17.09
C LEU A 164 -9.80 -1.04 -16.37
N GLY A 165 -9.85 -1.47 -15.11
CA GLY A 165 -8.69 -1.94 -14.41
C GLY A 165 -7.81 -0.90 -13.79
N LEU A 166 -8.18 0.36 -13.87
CA LEU A 166 -7.44 1.44 -13.30
C LEU A 166 -7.92 1.86 -11.90
N ALA A 167 -9.02 1.31 -11.38
CA ALA A 167 -9.55 1.80 -10.05
C ALA A 167 -8.49 1.62 -8.93
N THR A 168 -7.75 0.51 -8.91
CA THR A 168 -6.73 0.31 -7.82
C THR A 168 -5.63 1.34 -7.91
N LEU A 169 -5.16 1.62 -9.13
CA LEU A 169 -4.12 2.61 -9.34
C LEU A 169 -4.59 4.02 -9.07
N LYS A 170 -5.81 4.34 -9.46
CA LYS A 170 -6.40 5.67 -9.13
C LYS A 170 -6.50 5.88 -7.62
N ARG A 171 -6.84 4.85 -6.89
CA ARG A 171 -6.82 4.93 -5.44
C ARG A 171 -5.41 5.20 -4.85
N ALA A 172 -4.43 4.45 -5.29
CA ALA A 172 -3.00 4.68 -4.90
C ALA A 172 -2.45 6.06 -5.23
N SER A 173 -2.90 6.62 -6.35
CA SER A 173 -2.43 7.87 -6.86
C SER A 173 -2.49 9.09 -5.87
N PHE A 174 -1.30 9.61 -5.65
CA PHE A 174 -0.95 10.60 -4.68
C PHE A 174 -1.25 10.09 -3.24
N ALA A 175 -1.25 8.77 -3.05
CA ALA A 175 -1.58 8.17 -1.76
C ALA A 175 -2.85 8.83 -1.11
N LYS A 176 -3.91 9.06 -1.89
CA LYS A 176 -5.07 9.83 -1.41
C LYS A 176 -6.27 9.02 -1.01
N VAL A 178 -8.58 7.75 -2.77
CA VAL A 178 -9.80 7.92 -3.56
C VAL A 178 -10.37 6.54 -4.00
N ILE A 179 -11.57 6.16 -3.54
CA ILE A 179 -12.18 4.84 -3.86
C ILE A 179 -13.00 4.79 -5.20
N GLY A 180 -13.19 5.94 -5.84
CA GLY A 180 -14.22 6.10 -6.87
C GLY A 180 -14.90 7.44 -6.76
N THR A 181 -15.94 7.64 -7.58
CA THR A 181 -16.63 8.92 -7.70
C THR A 181 -17.89 8.73 -6.85
N PRO A 182 -18.04 9.50 -5.77
CA PRO A 182 -19.21 9.29 -4.85
C PRO A 182 -20.59 9.13 -5.50
N GLU A 183 -20.87 9.96 -6.49
CA GLU A 183 -22.14 9.99 -7.19
C GLU A 183 -22.49 8.60 -7.79
N PHE A 184 -21.50 7.80 -8.17
CA PHE A 184 -21.72 6.52 -8.85
C PHE A 184 -21.46 5.30 -7.97
N MET A 185 -21.01 5.53 -6.74
CA MET A 185 -20.58 4.43 -5.85
C MET A 185 -21.72 3.86 -5.05
N ALA A 186 -21.96 2.56 -5.18
CA ALA A 186 -22.88 1.89 -4.33
C ALA A 186 -22.52 2.04 -2.84
N PRO A 187 -23.53 1.94 -1.94
CA PRO A 187 -23.34 2.00 -0.46
C PRO A 187 -22.26 1.05 0.10
N GLU A 188 -22.24 -0.22 -0.33
CA GLU A 188 -21.23 -1.20 0.12
C GLU A 188 -19.77 -0.89 -0.22
N MET A 189 -19.53 0.02 -1.17
CA MET A 189 -18.17 0.32 -1.54
C MET A 189 -17.45 1.12 -0.48
N TYR A 190 -18.15 1.84 0.37
CA TYR A 190 -17.49 2.55 1.47
C TYR A 190 -17.02 1.57 2.57
N GLU A 191 -17.63 0.40 2.69
CA GLU A 191 -17.07 -0.65 3.55
C GLU A 191 -16.03 -1.50 2.86
N GLU A 192 -15.47 -1.05 1.75
CA GLU A 192 -14.35 -1.74 1.13
C GLU A 192 -14.72 -3.10 0.49
N LYS A 193 -16.00 -3.25 0.13
CA LYS A 193 -16.52 -4.45 -0.55
C LYS A 193 -16.98 -4.10 -1.97
N TYR A 194 -16.90 -5.09 -2.81
CA TYR A 194 -17.45 -4.98 -4.11
C TYR A 194 -17.67 -6.39 -4.61
N ASP A 195 -18.67 -6.43 -5.44
CA ASP A 195 -19.16 -7.55 -6.19
C ASP A 195 -19.68 -6.99 -7.53
N GLU A 196 -20.16 -7.83 -8.41
CA GLU A 196 -20.63 -7.41 -9.71
C GLU A 196 -21.75 -6.35 -9.70
N SER A 197 -22.59 -6.39 -8.69
CA SER A 197 -23.67 -5.48 -8.49
C SER A 197 -23.27 -4.01 -8.30
N VAL A 198 -22.05 -3.70 -7.87
CA VAL A 198 -21.58 -2.30 -7.90
C VAL A 198 -21.64 -1.74 -9.35
N ASP A 199 -21.36 -2.57 -10.35
CA ASP A 199 -21.42 -2.11 -11.71
C ASP A 199 -22.89 -1.87 -12.13
N VAL A 200 -23.82 -2.68 -11.61
CA VAL A 200 -25.26 -2.51 -11.88
C VAL A 200 -25.76 -1.17 -11.25
N TYR A 201 -25.34 -0.89 -10.02
CA TYR A 201 -25.60 0.38 -9.32
C TYR A 201 -25.08 1.58 -10.14
N ALA A 202 -23.83 1.46 -10.57
CA ALA A 202 -23.22 2.56 -11.35
C ALA A 202 -23.89 2.72 -12.71
N PHE A 203 -24.31 1.61 -13.33
CA PHE A 203 -25.03 1.64 -14.60
C PHE A 203 -26.32 2.42 -14.41
N GLY A 204 -27.01 2.13 -13.32
CA GLY A 204 -28.21 2.87 -12.94
C GLY A 204 -28.09 4.36 -12.81
N MET A 205 -27.01 4.79 -12.16
CA MET A 205 -26.70 6.19 -12.14
C MET A 205 -26.30 6.74 -13.49
N CYS A 206 -25.62 5.97 -14.33
CA CYS A 206 -25.24 6.47 -15.69
C CYS A 206 -26.55 6.72 -16.47
N MET A 207 -27.44 5.77 -16.39
CA MET A 207 -28.73 5.93 -16.99
C MET A 207 -29.51 7.15 -16.46
N LEU A 208 -29.46 7.40 -15.16
CA LEU A 208 -30.06 8.57 -14.56
C LEU A 208 -29.41 9.87 -15.12
N GLU A 209 -28.10 9.92 -15.16
CA GLU A 209 -27.43 11.02 -15.84
C GLU A 209 -27.86 11.24 -17.30
N MET A 210 -27.87 10.20 -18.09
CA MET A 210 -28.32 10.29 -19.51
C MET A 210 -29.79 10.71 -19.66
N ALA A 211 -30.66 10.23 -18.77
CA ALA A 211 -32.10 10.59 -18.83
C ALA A 211 -32.43 12.01 -18.33
N THR A 212 -31.61 12.57 -17.46
CA THR A 212 -31.89 13.85 -16.87
C THR A 212 -30.95 14.96 -17.31
N SER A 213 -29.84 14.63 -18.00
CA SER A 213 -28.71 15.56 -18.27
C SER A 213 -28.22 16.36 -17.06
N GLU A 214 -28.16 15.75 -15.88
CA GLU A 214 -27.53 16.37 -14.71
C GLU A 214 -26.77 15.32 -13.91
N TYR A 215 -25.75 15.77 -13.19
CA TYR A 215 -24.97 14.87 -12.33
C TYR A 215 -25.85 14.47 -11.14
N PRO A 216 -25.90 13.19 -10.82
CA PRO A 216 -26.58 12.75 -9.59
C PRO A 216 -26.05 13.39 -8.34
N TYR A 217 -26.97 13.72 -7.44
CA TYR A 217 -26.66 14.36 -6.14
C TYR A 217 -26.03 15.73 -6.29
N SER A 218 -26.31 16.44 -7.39
CA SER A 218 -25.75 17.79 -7.58
C SER A 218 -26.31 18.75 -6.52
N GLU A 219 -27.48 18.42 -5.96
CA GLU A 219 -27.97 19.16 -4.81
C GLU A 219 -27.06 19.06 -3.54
N CYS A 220 -26.22 18.03 -3.41
CA CYS A 220 -25.43 17.83 -2.19
C CYS A 220 -24.28 18.81 -2.10
N GLN A 221 -23.96 19.20 -0.87
CA GLN A 221 -22.98 20.25 -0.66
C GLN A 221 -21.57 19.70 -0.82
N ASN A 222 -21.35 18.44 -0.45
CA ASN A 222 -20.04 17.79 -0.53
C ASN A 222 -20.19 16.27 -0.54
N ALA A 223 -19.08 15.59 -0.70
CA ALA A 223 -19.01 14.16 -0.75
C ALA A 223 -19.48 13.48 0.55
N ALA A 224 -19.26 14.15 1.67
CA ALA A 224 -19.78 13.65 2.95
C ALA A 224 -21.30 13.55 2.96
N GLN A 225 -21.99 14.58 2.50
CA GLN A 225 -23.43 14.53 2.43
C GLN A 225 -23.91 13.40 1.46
N ILE A 226 -23.22 13.25 0.36
CA ILE A 226 -23.51 12.08 -0.53
C ILE A 226 -23.35 10.76 0.16
N TYR A 227 -22.24 10.56 0.86
CA TYR A 227 -22.02 9.35 1.62
C TYR A 227 -23.15 9.10 2.60
N ARG A 228 -23.48 10.08 3.41
CA ARG A 228 -24.59 9.89 4.36
C ARG A 228 -25.93 9.51 3.68
N ARG A 229 -26.25 10.19 2.60
CA ARG A 229 -27.49 9.89 1.87
C ARG A 229 -27.57 8.50 1.23
N VAL A 230 -26.52 8.10 0.53
CA VAL A 230 -26.47 6.81 -0.16
C VAL A 230 -26.50 5.67 0.84
N THR A 231 -25.78 5.80 1.94
CA THR A 231 -25.74 4.75 2.93
C THR A 231 -26.95 4.78 3.87
N SER A 232 -27.87 5.74 3.72
CA SER A 232 -29.18 5.55 4.29
C SER A 232 -30.29 5.43 3.23
N GLY A 233 -29.94 5.23 1.97
CA GLY A 233 -30.96 4.95 0.95
C GLY A 233 -31.74 6.16 0.48
N VAL A 234 -31.20 7.35 0.68
CA VAL A 234 -31.84 8.53 0.16
C VAL A 234 -31.33 8.74 -1.28
N LYS A 235 -32.24 8.63 -2.24
CA LYS A 235 -31.96 8.77 -3.64
C LYS A 235 -31.54 10.11 -4.02
N PRO A 236 -30.85 10.22 -5.15
CA PRO A 236 -30.66 11.55 -5.64
C PRO A 236 -31.96 12.22 -6.01
N ALA A 237 -32.04 13.53 -5.76
CA ALA A 237 -33.15 14.33 -6.15
C ALA A 237 -33.51 14.22 -7.66
N SER A 238 -32.55 14.02 -8.55
CA SER A 238 -32.84 13.93 -9.97
C SER A 238 -33.65 12.74 -10.37
N PHE A 239 -33.79 11.75 -9.51
CA PHE A 239 -34.56 10.57 -9.79
C PHE A 239 -36.04 10.89 -10.07
N ASP A 240 -36.55 11.87 -9.36
CA ASP A 240 -37.89 12.39 -9.66
C ASP A 240 -38.04 13.26 -10.87
N LYS A 241 -36.97 13.59 -11.54
CA LYS A 241 -37.04 14.30 -12.81
C LYS A 241 -37.00 13.39 -14.00
N VAL A 242 -37.08 12.06 -13.79
CA VAL A 242 -36.98 11.11 -14.90
C VAL A 242 -38.35 11.03 -15.60
N ALA A 243 -38.38 11.37 -16.88
CA ALA A 243 -39.62 11.59 -17.60
C ALA A 243 -40.24 10.33 -18.24
N ILE A 244 -39.48 9.23 -18.39
CA ILE A 244 -40.01 8.02 -19.03
C ILE A 244 -40.20 6.97 -17.94
N PRO A 245 -41.46 6.53 -17.66
CA PRO A 245 -41.59 5.68 -16.46
C PRO A 245 -40.82 4.39 -16.54
N GLU A 246 -40.75 3.77 -17.72
CA GLU A 246 -39.96 2.57 -17.85
C GLU A 246 -38.48 2.80 -17.48
N VAL A 247 -37.91 3.93 -17.92
CA VAL A 247 -36.56 4.31 -17.52
C VAL A 247 -36.42 4.47 -16.03
N LYS A 248 -37.35 5.21 -15.44
CA LYS A 248 -37.35 5.44 -13.99
C LYS A 248 -37.32 4.13 -13.21
N GLU A 249 -38.15 3.26 -13.64
CA GLU A 249 -38.29 1.93 -13.09
C GLU A 249 -37.00 1.03 -13.24
N ILE A 250 -36.30 1.11 -14.37
CA ILE A 250 -35.04 0.45 -14.47
C ILE A 250 -34.03 1.03 -13.47
N ILE A 251 -33.96 2.36 -13.37
CA ILE A 251 -33.00 3.07 -12.50
C ILE A 251 -33.24 2.68 -11.05
N GLU A 252 -34.52 2.65 -10.68
CA GLU A 252 -34.94 2.22 -9.34
C GLU A 252 -34.40 0.82 -8.97
N GLY A 253 -34.55 -0.12 -9.87
CA GLY A 253 -34.07 -1.46 -9.62
C GLY A 253 -32.55 -1.61 -9.56
N CYS A 254 -31.85 -0.67 -10.20
CA CYS A 254 -30.39 -0.72 -10.26
C CYS A 254 -29.81 -0.11 -9.00
N ILE A 255 -30.46 0.91 -8.43
CA ILE A 255 -29.82 1.66 -7.30
C ILE A 255 -30.37 1.31 -5.90
N ARG A 256 -31.06 0.23 -5.80
CA ARG A 256 -31.48 -0.27 -4.52
C ARG A 256 -30.32 -0.36 -3.57
N GLN A 257 -30.54 0.09 -2.33
CA GLN A 257 -29.50 0.06 -1.30
C GLN A 257 -28.96 -1.34 -1.03
N ASN A 258 -29.85 -2.31 -0.89
CA ASN A 258 -29.43 -3.69 -0.73
C ASN A 258 -29.05 -4.32 -2.05
N LYS A 259 -27.78 -4.66 -2.16
CA LYS A 259 -27.26 -5.20 -3.37
C LYS A 259 -28.01 -6.41 -3.88
N ASP A 260 -28.53 -7.25 -2.96
CA ASP A 260 -29.24 -8.42 -3.35
C ASP A 260 -30.59 -8.15 -3.95
N GLU A 261 -31.14 -6.98 -3.77
CA GLU A 261 -32.41 -6.67 -4.41
C GLU A 261 -32.24 -6.03 -5.84
N ARG A 262 -31.01 -5.80 -6.31
CA ARG A 262 -30.79 -5.09 -7.61
C ARG A 262 -31.06 -6.00 -8.80
N TYR A 263 -31.47 -5.43 -9.91
CA TYR A 263 -31.59 -6.16 -11.15
C TYR A 263 -30.30 -6.87 -11.48
N SER A 264 -30.39 -8.02 -12.11
CA SER A 264 -29.25 -8.64 -12.75
C SER A 264 -29.13 -8.00 -14.17
N ILE A 265 -27.95 -8.12 -14.74
CA ILE A 265 -27.80 -7.65 -16.11
C ILE A 265 -28.70 -8.38 -17.07
N LYS A 266 -28.82 -9.70 -16.90
CA LYS A 266 -29.76 -10.47 -17.73
C LYS A 266 -31.22 -9.97 -17.61
N ASP A 267 -31.73 -9.79 -16.39
CA ASP A 267 -33.01 -9.08 -16.15
C ASP A 267 -33.09 -7.77 -17.00
N LEU A 268 -32.01 -6.98 -16.97
CA LEU A 268 -32.02 -5.69 -17.62
C LEU A 268 -32.16 -5.89 -19.12
N LEU A 269 -31.41 -6.83 -19.67
CA LEU A 269 -31.42 -7.01 -21.11
C LEU A 269 -32.75 -7.46 -21.62
N ASN A 270 -33.48 -8.23 -20.82
CA ASN A 270 -34.84 -8.72 -21.19
C ASN A 270 -35.98 -7.76 -20.87
N HIS A 271 -35.67 -6.63 -20.26
CA HIS A 271 -36.63 -5.60 -20.00
C HIS A 271 -37.27 -5.04 -21.28
N ALA A 272 -38.57 -4.84 -21.23
CA ALA A 272 -39.29 -4.37 -22.42
C ALA A 272 -38.69 -3.08 -23.01
N PHE A 273 -38.28 -2.16 -22.14
CA PHE A 273 -37.56 -0.97 -22.58
C PHE A 273 -36.39 -1.25 -23.54
N PHE A 274 -35.58 -2.27 -23.27
CA PHE A 274 -34.40 -2.65 -24.11
C PHE A 274 -34.68 -3.73 -25.17
N GLN A 275 -35.54 -4.68 -24.82
CA GLN A 275 -35.81 -5.80 -25.69
C GLN A 275 -36.61 -5.32 -26.91
N GLU A 276 -37.44 -4.29 -26.72
CA GLU A 276 -38.12 -3.65 -27.85
C GLU A 276 -37.19 -2.86 -28.79
N GLU A 277 -36.96 -3.48 -29.96
CA GLU A 277 -36.27 -2.91 -31.10
C GLU A 277 -34.79 -2.75 -30.88
N GLY B 1 0.57 -27.47 37.03
CA GLY B 1 0.85 -26.01 36.90
C GLY B 1 1.25 -25.73 35.47
N ALA B 2 1.22 -24.44 35.11
CA ALA B 2 1.58 -24.07 33.74
C ALA B 2 3.01 -24.41 33.57
N MET B 3 3.79 -24.28 34.65
CA MET B 3 5.19 -24.65 34.59
C MET B 3 5.49 -26.10 34.72
N ASP B 4 4.45 -26.92 34.85
CA ASP B 4 4.69 -28.36 34.89
C ASP B 4 4.40 -28.99 33.57
N LYS B 5 3.86 -28.24 32.58
CA LYS B 5 3.56 -28.75 31.30
C LYS B 5 4.50 -28.30 30.22
N ALA B 6 5.53 -29.09 29.98
CA ALA B 6 6.42 -28.83 28.90
C ALA B 6 5.89 -29.45 27.63
N VAL B 7 5.40 -28.57 26.76
CA VAL B 7 4.69 -28.87 25.57
C VAL B 7 5.56 -28.87 24.31
N GLY B 8 6.86 -28.64 24.44
CA GLY B 8 7.75 -28.79 23.27
C GLY B 8 9.17 -28.70 23.74
N MET B 9 10.11 -29.16 22.91
CA MET B 9 11.47 -29.04 23.30
C MET B 9 12.41 -29.04 22.15
N SER B 10 13.58 -28.46 22.38
CA SER B 10 14.65 -28.51 21.35
C SER B 10 15.12 -30.02 21.26
N ASN B 11 15.75 -30.38 20.15
CA ASN B 11 16.19 -31.77 19.89
C ASN B 11 17.07 -32.34 21.04
N ASP B 12 18.00 -31.56 21.59
CA ASP B 12 18.81 -31.94 22.82
C ASP B 12 18.13 -31.92 24.21
N GLY B 13 16.85 -31.54 24.29
CA GLY B 13 16.25 -31.31 25.60
C GLY B 13 16.74 -30.12 26.39
N ARG B 14 17.56 -29.26 25.82
CA ARG B 14 18.02 -28.10 26.57
C ARG B 14 16.91 -27.07 26.87
N PHE B 15 16.12 -26.76 25.83
CA PHE B 15 15.06 -25.71 25.91
C PHE B 15 13.69 -26.34 25.88
N LEU B 16 12.87 -25.98 26.86
CA LEU B 16 11.45 -26.37 26.92
C LEU B 16 10.49 -25.26 26.68
N LYS B 17 9.36 -25.57 26.11
CA LYS B 17 8.32 -24.62 25.78
C LYS B 17 7.21 -24.87 26.78
N PHE B 18 6.74 -23.79 27.40
CA PHE B 18 5.51 -23.81 28.18
C PHE B 18 4.42 -23.11 27.40
N ASP B 19 3.20 -23.53 27.65
CA ASP B 19 2.04 -22.99 26.95
C ASP B 19 1.46 -21.68 27.60
N ILE B 20 2.37 -20.71 27.71
CA ILE B 20 2.15 -19.42 28.36
C ILE B 20 2.60 -18.40 27.30
N GLU B 21 1.65 -17.82 26.60
CA GLU B 21 1.89 -16.88 25.61
C GLU B 21 2.08 -15.50 26.23
N ILE B 22 3.23 -14.91 25.98
CA ILE B 22 3.53 -13.67 26.59
C ILE B 22 3.47 -12.56 25.60
N GLY B 23 3.28 -12.87 24.31
CA GLY B 23 3.09 -11.85 23.32
C GLY B 23 2.80 -12.44 21.97
N ARG B 24 2.12 -11.71 21.10
CA ARG B 24 2.00 -12.11 19.72
C ARG B 24 1.89 -10.88 18.81
N GLY B 25 2.57 -10.90 17.69
CA GLY B 25 2.42 -9.84 16.69
C GLY B 25 1.97 -10.52 15.41
N SER B 26 2.19 -9.87 14.27
CA SER B 26 1.80 -10.44 12.99
C SER B 26 2.80 -11.44 12.50
N PHE B 27 4.04 -11.42 13.00
CA PHE B 27 5.03 -12.35 12.51
C PHE B 27 5.47 -13.40 13.54
N LYS B 28 5.52 -13.03 14.81
CA LYS B 28 5.85 -14.04 15.79
C LYS B 28 4.95 -14.14 16.99
N THR B 29 4.91 -15.34 17.61
CA THR B 29 4.23 -15.62 18.90
C THR B 29 5.28 -16.03 19.93
N VAL B 30 5.38 -15.29 21.03
CA VAL B 30 6.40 -15.51 22.03
C VAL B 30 5.77 -16.23 23.23
N TYR B 31 6.38 -17.37 23.57
CA TYR B 31 6.01 -18.17 24.73
C TYR B 31 7.09 -18.17 25.77
N LYS B 32 6.73 -18.42 27.03
CA LYS B 32 7.79 -18.60 28.05
C LYS B 32 8.39 -19.97 27.91
N GLY B 33 9.72 -20.06 27.99
CA GLY B 33 10.39 -21.28 27.96
C GLY B 33 11.39 -21.38 29.08
N LEU B 34 12.06 -22.52 29.11
CA LEU B 34 13.04 -22.78 30.16
C LEU B 34 14.30 -23.27 29.50
N ASP B 35 15.45 -22.71 29.90
CA ASP B 35 16.76 -23.24 29.53
C ASP B 35 17.19 -24.20 30.68
N THR B 36 17.17 -25.50 30.41
CA THR B 36 17.30 -26.48 31.49
C THR B 36 18.73 -26.59 31.88
N GLU B 37 19.66 -26.17 31.04
CA GLU B 37 21.09 -26.16 31.49
C GLU B 37 21.42 -25.11 32.53
N THR B 38 20.80 -23.94 32.46
CA THR B 38 21.10 -22.83 33.37
C THR B 38 20.04 -22.59 34.36
N THR B 39 18.86 -23.15 34.12
CA THR B 39 17.66 -22.87 34.88
C THR B 39 17.05 -21.49 34.69
N VAL B 40 17.50 -20.73 33.70
CA VAL B 40 16.94 -19.38 33.46
C VAL B 40 15.78 -19.50 32.46
N GLU B 41 14.70 -18.77 32.70
CA GLU B 41 13.60 -18.60 31.76
C GLU B 41 14.08 -17.98 30.48
N VAL B 42 13.48 -18.36 29.35
CA VAL B 42 13.81 -17.81 28.05
C VAL B 42 12.53 -17.48 27.30
N ALA B 43 12.68 -16.70 26.24
CA ALA B 43 11.60 -16.50 25.32
C ALA B 43 11.71 -17.51 24.17
N TRP B 44 10.61 -18.21 23.95
CA TRP B 44 10.52 -19.25 22.89
C TRP B 44 9.63 -18.61 21.84
N CYS B 45 10.22 -18.19 20.73
CA CYS B 45 9.52 -17.44 19.69
C CYS B 45 9.20 -18.30 18.49
N GLU B 46 7.93 -18.44 18.14
CA GLU B 46 7.56 -19.18 16.96
C GLU B 46 7.21 -18.23 15.86
N LEU B 47 7.71 -18.49 14.67
CA LEU B 47 7.44 -17.58 13.56
C LEU B 47 6.33 -18.18 12.78
N GLN B 48 5.83 -17.45 11.79
CA GLN B 48 4.76 -18.00 10.94
C GLN B 48 5.10 -19.29 10.32
N ASP B 49 4.15 -20.21 10.24
CA ASP B 49 4.36 -21.48 9.62
C ASP B 49 4.76 -21.23 8.15
N ARG B 50 5.72 -21.99 7.66
CA ARG B 50 6.11 -21.89 6.26
C ARG B 50 6.80 -23.16 5.82
N LYS B 51 6.37 -23.64 4.66
CA LYS B 51 6.98 -24.77 3.95
C LYS B 51 8.13 -24.19 3.14
N LEU B 52 9.31 -24.23 3.72
CA LEU B 52 10.47 -23.53 3.16
C LEU B 52 10.97 -24.30 1.94
N THR B 53 11.47 -23.62 0.91
CA THR B 53 12.25 -24.27 -0.14
C THR B 53 13.61 -24.59 0.43
N LYS B 54 14.37 -25.49 -0.20
CA LYS B 54 15.78 -25.78 0.14
C LYS B 54 16.66 -24.54 0.33
N SER B 55 16.60 -23.62 -0.60
CA SER B 55 17.34 -22.39 -0.42
C SER B 55 16.90 -21.49 0.76
N GLU B 56 15.59 -21.33 0.94
CA GLU B 56 15.06 -20.58 2.08
C GLU B 56 15.55 -21.23 3.41
N ARG B 57 15.53 -22.57 3.49
CA ARG B 57 16.03 -23.28 4.64
C ARG B 57 17.56 -23.05 4.82
N GLN B 58 18.34 -23.12 3.74
CA GLN B 58 19.75 -22.86 3.83
C GLN B 58 20.04 -21.41 4.32
N ARG B 59 19.34 -20.38 3.82
CA ARG B 59 19.54 -19.06 4.33
C ARG B 59 19.10 -18.85 5.80
N PHE B 60 18.01 -19.50 6.22
CA PHE B 60 17.64 -19.56 7.64
C PHE B 60 18.82 -20.11 8.52
N LYS B 61 19.38 -21.26 8.16
CA LYS B 61 20.40 -21.93 8.96
C LYS B 61 21.69 -21.08 9.04
N GLU B 62 21.99 -20.32 8.00
CA GLU B 62 23.20 -19.47 7.99
C GLU B 62 23.02 -18.20 8.83
N GLU B 63 21.89 -17.54 8.68
CA GLU B 63 21.58 -16.39 9.54
C GLU B 63 21.53 -16.79 11.02
N ALA B 64 20.82 -17.86 11.34
CA ALA B 64 20.78 -18.39 12.71
C ALA B 64 22.17 -18.63 13.31
N GLU B 65 23.06 -19.18 12.50
CA GLU B 65 24.45 -19.43 12.90
C GLU B 65 25.19 -18.16 13.21
N MET B 66 25.08 -17.19 12.35
CA MET B 66 25.64 -15.89 12.61
C MET B 66 25.06 -15.28 13.90
N LEU B 67 23.75 -15.31 14.08
CA LEU B 67 23.09 -14.76 15.30
C LEU B 67 23.52 -15.47 16.60
N LYS B 68 23.71 -16.77 16.53
CA LYS B 68 24.11 -17.53 17.70
C LYS B 68 25.57 -17.24 18.13
N GLY B 69 26.40 -16.76 17.20
CA GLY B 69 27.81 -16.43 17.43
C GLY B 69 28.12 -14.97 17.81
N LEU B 70 27.07 -14.16 18.04
CA LEU B 70 27.14 -12.76 18.39
C LEU B 70 26.57 -12.56 19.80
N GLN B 71 27.28 -11.76 20.60
CA GLN B 71 26.89 -11.51 21.93
C GLN B 71 27.41 -10.17 22.39
N HIS B 72 26.59 -9.40 23.07
CA HIS B 72 26.97 -8.09 23.65
C HIS B 72 25.93 -7.77 24.75
N PRO B 73 26.36 -7.13 25.87
CA PRO B 73 25.40 -6.82 26.94
C PRO B 73 24.23 -5.91 26.62
N ASN B 74 24.28 -5.13 25.54
CA ASN B 74 23.22 -4.22 25.09
C ASN B 74 22.42 -4.78 23.88
N ILE B 75 22.65 -6.04 23.59
CA ILE B 75 21.92 -6.81 22.56
C ILE B 75 21.24 -7.99 23.26
N VAL B 76 19.96 -8.19 22.99
CA VAL B 76 19.19 -9.36 23.51
C VAL B 76 19.89 -10.63 23.07
N ARG B 77 20.20 -11.54 24.00
CA ARG B 77 20.94 -12.73 23.63
C ARG B 77 20.11 -13.65 22.76
N PHE B 78 20.73 -14.17 21.72
CA PHE B 78 20.13 -15.19 20.86
C PHE B 78 20.76 -16.57 21.19
N TYR B 79 19.97 -17.51 21.70
CA TYR B 79 20.49 -18.80 22.18
C TYR B 79 20.54 -19.80 21.05
N ASP B 80 19.45 -19.98 20.30
CA ASP B 80 19.38 -21.08 19.33
C ASP B 80 18.17 -20.95 18.45
N SER B 81 18.20 -21.69 17.36
CA SER B 81 17.11 -21.73 16.42
C SER B 81 16.99 -23.08 15.72
N TRP B 82 15.79 -23.48 15.33
CA TRP B 82 15.59 -24.71 14.58
C TRP B 82 14.13 -24.68 14.03
N GLU B 83 13.84 -25.58 13.07
CA GLU B 83 12.50 -25.80 12.58
C GLU B 83 11.84 -26.84 13.42
N SER B 84 10.76 -26.51 14.09
CA SER B 84 9.96 -27.42 14.85
C SER B 84 8.81 -27.83 13.96
N THR B 85 8.10 -28.85 14.41
CA THR B 85 6.82 -29.20 13.84
C THR B 85 5.79 -28.90 14.92
N VAL B 86 4.91 -27.94 14.66
CA VAL B 86 3.78 -27.66 15.57
C VAL B 86 2.65 -28.38 14.85
N LYS B 87 2.36 -29.60 15.33
CA LYS B 87 1.74 -30.70 14.56
C LYS B 87 0.71 -30.22 13.51
N GLY B 88 0.80 -30.63 12.24
CA GLY B 88 1.94 -31.34 11.63
C GLY B 88 2.71 -30.37 10.73
N LYS B 89 2.80 -29.10 11.16
CA LYS B 89 3.26 -27.98 10.34
C LYS B 89 4.63 -27.45 10.81
N LYS B 90 5.45 -27.01 9.85
CA LYS B 90 6.79 -26.56 10.14
C LYS B 90 6.83 -25.10 10.48
N CYS B 91 7.42 -24.77 11.62
CA CYS B 91 7.77 -23.39 11.88
C CYS B 91 9.04 -23.25 12.59
N ILE B 92 9.65 -22.11 12.34
CA ILE B 92 10.91 -21.76 12.92
C ILE B 92 10.66 -21.35 14.38
N VAL B 93 11.53 -21.85 15.26
CA VAL B 93 11.63 -21.41 16.66
C VAL B 93 12.92 -20.66 16.82
N LEU B 94 12.89 -19.46 17.45
CA LEU B 94 14.06 -18.76 17.90
C LEU B 94 13.95 -18.73 19.41
N VAL B 95 15.02 -19.07 20.10
CA VAL B 95 15.11 -18.97 21.53
C VAL B 95 16.06 -17.83 21.93
N THR B 96 15.52 -16.89 22.70
CA THR B 96 16.26 -15.73 23.07
C THR B 96 16.04 -15.41 24.54
N GLU B 97 16.88 -14.48 25.01
CA GLU B 97 16.81 -13.96 26.39
C GLU B 97 15.43 -13.36 26.65
N LEU B 98 14.81 -13.75 27.76
CA LEU B 98 13.45 -13.27 28.05
C LEU B 98 13.53 -11.84 28.62
N MET B 99 12.84 -10.88 28.05
CA MET B 99 12.92 -9.48 28.52
C MET B 99 11.73 -9.23 29.45
N THR B 100 11.99 -8.89 30.70
CA THR B 100 10.85 -8.85 31.64
C THR B 100 10.22 -7.53 31.91
N SER B 101 10.72 -6.44 31.40
CA SER B 101 10.24 -5.17 31.87
C SER B 101 9.83 -4.27 30.73
N GLY B 102 9.43 -4.84 29.61
CA GLY B 102 8.88 -4.10 28.52
C GLY B 102 9.89 -3.36 27.64
N THR B 103 9.36 -2.56 26.75
CA THR B 103 10.16 -1.79 25.79
C THR B 103 10.28 -0.32 26.07
N LEU B 104 11.17 0.39 25.36
CA LEU B 104 11.22 1.82 25.47
C LEU B 104 9.86 2.43 25.17
N LYS B 105 9.15 1.91 24.19
CA LYS B 105 7.83 2.38 23.85
C LYS B 105 6.87 2.27 25.02
N THR B 106 6.85 1.13 25.66
CA THR B 106 5.94 0.97 26.78
C THR B 106 6.34 1.83 27.93
N TYR B 107 7.65 2.02 28.13
CA TYR B 107 8.14 2.91 29.17
C TYR B 107 7.63 4.33 28.96
N LEU B 108 7.72 4.80 27.73
CA LEU B 108 7.24 6.14 27.36
C LEU B 108 5.72 6.33 27.53
N LYS B 109 4.94 5.29 27.33
CA LYS B 109 3.52 5.35 27.60
C LYS B 109 3.26 5.43 29.12
N ARG B 110 4.01 4.68 29.91
CA ARG B 110 3.79 4.65 31.33
C ARG B 110 4.16 5.97 32.03
N PHE B 111 5.36 6.43 31.74
CA PHE B 111 5.88 7.61 32.38
C PHE B 111 5.59 8.82 31.52
N LYS B 112 5.02 8.62 30.32
CA LYS B 112 4.49 9.71 29.45
C LYS B 112 5.61 10.52 28.80
N VAL B 113 6.59 10.95 29.59
CA VAL B 113 7.83 11.57 29.11
C VAL B 113 9.04 10.73 29.62
N MET B 114 10.15 10.87 28.90
CA MET B 114 11.49 10.47 29.40
C MET B 114 12.27 11.70 29.85
N LYS B 115 12.65 11.77 31.14
CA LYS B 115 13.56 12.84 31.55
C LYS B 115 14.99 12.72 30.99
N ILE B 116 15.68 13.86 30.95
CA ILE B 116 16.80 13.97 30.03
C ILE B 116 17.97 13.07 30.35
N LYS B 117 18.22 12.91 31.63
CA LYS B 117 19.23 11.99 32.13
C LYS B 117 19.05 10.53 31.63
N VAL B 118 17.81 10.08 31.64
CA VAL B 118 17.44 8.74 31.24
C VAL B 118 17.59 8.61 29.77
N LEU B 119 17.10 9.61 29.05
CA LEU B 119 17.26 9.66 27.58
C LEU B 119 18.71 9.48 27.21
N ARG B 120 19.56 10.32 27.83
CA ARG B 120 20.98 10.32 27.56
C ARG B 120 21.56 8.96 27.77
N SER B 121 21.18 8.28 28.85
CA SER B 121 21.82 7.05 29.22
C SER B 121 21.36 5.90 28.30
N TRP B 122 20.09 5.87 28.06
CA TRP B 122 19.56 4.94 27.12
C TRP B 122 20.05 5.06 25.67
N CYS B 123 20.14 6.27 25.14
CA CYS B 123 20.71 6.50 23.86
C CYS B 123 22.16 6.02 23.73
N ARG B 124 22.95 6.26 24.79
CA ARG B 124 24.33 5.92 24.73
C ARG B 124 24.49 4.37 24.67
N GLN B 125 23.69 3.65 25.45
CA GLN B 125 23.65 2.17 25.41
C GLN B 125 23.26 1.61 24.04
N ILE B 126 22.29 2.21 23.41
CA ILE B 126 21.92 1.87 22.05
C ILE B 126 23.07 2.12 21.09
N LEU B 127 23.70 3.28 21.22
CA LEU B 127 24.87 3.55 20.43
C LEU B 127 26.05 2.55 20.61
N LYS B 128 26.34 2.13 21.84
CA LYS B 128 27.40 1.17 22.08
C LYS B 128 27.08 -0.18 21.46
N GLY B 129 25.83 -0.62 21.57
CA GLY B 129 25.35 -1.81 20.86
C GLY B 129 25.53 -1.73 19.34
N LEU B 130 25.18 -0.60 18.73
CA LEU B 130 25.27 -0.49 17.30
C LEU B 130 26.68 -0.41 16.90
N GLN B 131 27.49 0.33 17.69
CA GLN B 131 28.90 0.38 17.39
C GLN B 131 29.55 -1.02 17.34
N PHE B 132 29.20 -1.86 18.32
CA PHE B 132 29.69 -3.23 18.31
C PHE B 132 29.28 -4.00 17.04
N LEU B 133 28.01 -3.94 16.70
CA LEU B 133 27.57 -4.56 15.46
C LEU B 133 28.32 -4.11 14.21
N HIS B 134 28.48 -2.79 14.08
CA HIS B 134 29.09 -2.17 12.88
C HIS B 134 30.58 -2.44 12.75
N THR B 135 31.23 -2.74 13.88
CA THR B 135 32.63 -2.95 13.89
C THR B 135 32.93 -4.47 13.84
N ARG B 136 31.96 -5.39 13.76
CA ARG B 136 32.33 -6.75 13.51
C ARG B 136 32.92 -6.91 12.07
N THR B 137 33.50 -8.07 11.81
CA THR B 137 34.01 -8.38 10.46
C THR B 137 33.42 -9.71 9.99
N PRO B 138 32.59 -9.72 8.96
CA PRO B 138 32.04 -8.53 8.35
C PRO B 138 31.12 -7.79 9.34
N PRO B 139 30.80 -6.52 9.05
CA PRO B 139 29.94 -5.68 9.89
C PRO B 139 28.53 -6.14 9.79
N ILE B 140 27.76 -5.92 10.83
CA ILE B 140 26.40 -6.34 10.89
C ILE B 140 25.56 -5.07 10.95
N ILE B 141 24.52 -5.05 10.13
CA ILE B 141 23.57 -3.99 10.09
C ILE B 141 22.27 -4.53 10.65
N HIS B 142 21.68 -3.81 11.61
CA HIS B 142 20.43 -4.24 12.22
C HIS B 142 19.21 -4.12 11.22
N ARG B 143 19.03 -2.94 10.61
CA ARG B 143 18.01 -2.64 9.60
C ARG B 143 16.64 -2.48 10.11
N ASP B 144 16.39 -2.71 11.41
CA ASP B 144 15.00 -2.56 11.94
C ASP B 144 14.91 -2.08 13.35
N LEU B 145 15.73 -1.08 13.67
CA LEU B 145 15.77 -0.49 14.94
C LEU B 145 14.56 0.44 15.10
N LYS B 146 13.91 0.35 16.26
CA LYS B 146 12.78 1.22 16.67
C LYS B 146 12.50 1.02 18.15
N CYS B 147 11.73 1.92 18.76
CA CYS B 147 11.59 1.87 20.20
C CYS B 147 10.83 0.62 20.65
N ASP B 148 10.00 0.09 19.75
CA ASP B 148 9.29 -1.13 20.00
C ASP B 148 10.18 -2.38 20.13
N ASN B 149 11.41 -2.39 19.61
CA ASN B 149 12.19 -3.58 19.80
C ASN B 149 13.49 -3.23 20.53
N ILE B 150 13.41 -2.19 21.37
CA ILE B 150 14.45 -1.90 22.34
C ILE B 150 13.86 -2.15 23.71
N PHE B 151 14.45 -3.06 24.48
CA PHE B 151 13.88 -3.56 25.72
C PHE B 151 14.69 -3.01 26.89
N ILE B 152 14.08 -2.97 28.07
CA ILE B 152 14.71 -2.50 29.27
C ILE B 152 14.76 -3.68 30.21
N THR B 153 15.82 -3.80 30.99
CA THR B 153 15.81 -4.82 32.07
C THR B 153 15.05 -4.35 33.36
N GLY B 154 14.95 -3.04 33.58
CA GLY B 154 13.88 -2.43 34.46
C GLY B 154 13.81 -0.89 34.32
N PRO B 155 12.76 -0.23 34.87
CA PRO B 155 12.67 1.25 34.72
C PRO B 155 13.98 2.06 34.99
N THR B 156 14.90 1.52 35.80
CA THR B 156 16.25 2.12 35.99
C THR B 156 17.43 1.17 35.55
N GLY B 157 17.11 0.03 34.96
CA GLY B 157 18.08 -0.85 34.32
C GLY B 157 18.62 -0.36 32.98
N SER B 158 19.04 -1.31 32.18
CA SER B 158 19.78 -1.02 30.96
C SER B 158 19.01 -1.47 29.74
N VAL B 159 19.44 -1.03 28.60
CA VAL B 159 18.71 -1.34 27.40
C VAL B 159 19.41 -2.46 26.67
N LYS B 160 18.61 -3.25 25.97
CA LYS B 160 19.07 -4.28 25.03
C LYS B 160 18.31 -4.15 23.72
N ILE B 161 19.03 -4.01 22.60
CA ILE B 161 18.43 -4.05 21.27
C ILE B 161 18.00 -5.47 20.93
N GLY B 162 16.73 -5.59 20.56
CA GLY B 162 16.12 -6.86 20.12
C GLY B 162 15.92 -6.95 18.59
N ASP B 163 15.49 -8.12 18.16
CA ASP B 163 15.16 -8.45 16.77
C ASP B 163 16.33 -8.40 15.80
N LEU B 164 17.56 -8.52 16.27
CA LEU B 164 18.62 -8.61 15.35
C LEU B 164 18.45 -9.85 14.46
N GLY B 165 18.60 -9.66 13.15
CA GLY B 165 18.43 -10.74 12.21
C GLY B 165 17.03 -10.96 11.68
N LEU B 166 15.98 -10.40 12.28
CA LEU B 166 14.66 -10.80 11.83
C LEU B 166 14.39 -10.21 10.45
N ALA B 167 14.88 -9.02 10.18
CA ALA B 167 14.60 -8.41 8.88
C ALA B 167 15.17 -9.30 7.73
N THR B 168 16.39 -9.81 7.95
CA THR B 168 17.06 -10.77 7.06
C THR B 168 16.24 -12.05 6.87
N LEU B 169 15.80 -12.68 7.97
CA LEU B 169 14.96 -13.84 7.87
C LEU B 169 13.69 -13.56 7.08
N LYS B 170 13.08 -12.40 7.31
CA LYS B 170 11.88 -12.05 6.62
C LYS B 170 12.11 -12.01 5.09
N ARG B 171 13.25 -11.48 4.68
CA ARG B 171 13.59 -11.32 3.25
C ARG B 171 14.09 -12.63 2.64
N ALA B 172 15.03 -13.27 3.31
CA ALA B 172 15.81 -14.41 2.77
C ALA B 172 15.04 -15.72 2.89
N SER B 173 14.16 -15.85 3.89
CA SER B 173 13.40 -17.09 4.10
C SER B 173 11.88 -16.98 3.94
N PHE B 174 11.30 -15.81 4.11
CA PHE B 174 9.87 -15.65 4.00
C PHE B 174 9.49 -14.82 2.75
N ALA B 175 10.50 -14.37 2.01
CA ALA B 175 10.33 -13.64 0.76
C ALA B 175 9.42 -12.43 0.96
N LYS B 176 9.65 -11.66 2.05
CA LYS B 176 8.79 -10.54 2.39
C LYS B 176 9.29 -9.29 1.69
N VAL B 178 8.06 -6.03 2.58
CA VAL B 178 8.25 -5.08 3.67
C VAL B 178 9.05 -5.78 4.80
N ILE B 179 10.29 -5.38 5.03
CA ILE B 179 11.12 -5.95 6.14
C ILE B 179 11.43 -4.95 7.26
N GLY B 180 10.84 -3.75 7.19
CA GLY B 180 11.13 -2.69 8.17
C GLY B 180 9.87 -1.93 8.51
N THR B 181 10.02 -0.92 9.38
CA THR B 181 8.91 -0.09 9.79
C THR B 181 9.16 1.23 9.12
N PRO B 182 8.28 1.65 8.18
CA PRO B 182 8.53 2.89 7.40
C PRO B 182 8.92 4.13 8.20
N GLU B 183 8.34 4.31 9.37
CA GLU B 183 8.66 5.45 10.20
C GLU B 183 10.15 5.56 10.50
N PHE B 184 10.88 4.43 10.50
CA PHE B 184 12.26 4.40 10.89
C PHE B 184 13.18 4.05 9.73
N MET B 185 12.63 3.93 8.52
CA MET B 185 13.42 3.48 7.36
C MET B 185 14.04 4.65 6.62
N ALA B 186 15.36 4.67 6.49
CA ALA B 186 16.02 5.68 5.71
C ALA B 186 15.59 5.68 4.21
N PRO B 187 15.66 6.82 3.52
CA PRO B 187 15.14 6.88 2.12
C PRO B 187 15.82 5.92 1.16
N GLU B 188 17.10 5.68 1.34
CA GLU B 188 17.82 4.73 0.47
C GLU B 188 17.38 3.29 0.66
N MET B 189 16.69 2.96 1.76
CA MET B 189 16.26 1.55 1.93
C MET B 189 15.14 1.14 0.99
N TYR B 190 14.44 2.09 0.37
CA TYR B 190 13.44 1.72 -0.64
C TYR B 190 14.12 1.32 -1.95
N GLU B 191 15.31 1.85 -2.16
CA GLU B 191 16.22 1.37 -3.19
C GLU B 191 16.89 0.02 -2.95
N GLU B 192 16.84 -0.54 -1.74
CA GLU B 192 17.63 -1.72 -1.36
C GLU B 192 19.11 -1.73 -1.87
N LYS B 193 19.76 -0.56 -1.85
CA LYS B 193 21.20 -0.46 -2.04
C LYS B 193 21.71 0.49 -0.95
N TYR B 194 22.21 -0.07 0.15
CA TYR B 194 22.49 0.73 1.32
C TYR B 194 23.46 0.11 2.34
N ASP B 195 23.76 0.83 3.43
CA ASP B 195 24.79 0.38 4.37
C ASP B 195 24.48 0.77 5.81
N GLU B 196 25.48 0.70 6.71
CA GLU B 196 25.28 0.91 8.14
C GLU B 196 24.68 2.25 8.55
N SER B 197 24.79 3.27 7.70
CA SER B 197 24.17 4.54 8.01
C SER B 197 22.62 4.44 8.07
N VAL B 198 21.99 3.36 7.60
CA VAL B 198 20.57 3.19 7.84
C VAL B 198 20.25 3.07 9.34
N ASP B 199 21.17 2.45 10.10
CA ASP B 199 21.05 2.31 11.52
C ASP B 199 21.19 3.66 12.23
N VAL B 200 22.04 4.57 11.70
CA VAL B 200 22.17 5.89 12.25
C VAL B 200 20.87 6.68 12.03
N TYR B 201 20.24 6.56 10.82
CA TYR B 201 18.93 7.17 10.58
C TYR B 201 17.86 6.63 11.53
N ALA B 202 17.79 5.33 11.70
CA ALA B 202 16.80 4.77 12.60
C ALA B 202 17.05 5.22 14.04
N PHE B 203 18.31 5.26 14.44
CA PHE B 203 18.62 5.78 15.78
C PHE B 203 18.10 7.18 16.00
N GLY B 204 18.32 8.04 15.01
CA GLY B 204 17.80 9.38 15.09
C GLY B 204 16.28 9.45 15.33
N MET B 205 15.55 8.59 14.61
CA MET B 205 14.11 8.49 14.79
C MET B 205 13.75 7.84 16.13
N CYS B 206 14.54 6.90 16.67
CA CYS B 206 14.27 6.43 18.05
C CYS B 206 14.45 7.57 19.05
N MET B 207 15.48 8.36 18.82
CA MET B 207 15.73 9.48 19.68
C MET B 207 14.62 10.52 19.58
N LEU B 208 14.08 10.73 18.38
CA LEU B 208 12.92 11.58 18.18
C LEU B 208 11.70 11.06 18.94
N GLU B 209 11.42 9.76 18.81
CA GLU B 209 10.33 9.13 19.55
C GLU B 209 10.56 9.35 21.10
N MET B 210 11.77 9.11 21.59
CA MET B 210 12.08 9.33 23.03
C MET B 210 11.89 10.77 23.47
N ALA B 211 12.26 11.71 22.63
CA ALA B 211 12.11 13.10 23.03
C ALA B 211 10.71 13.65 22.92
N THR B 212 9.84 13.01 22.16
CA THR B 212 8.51 13.53 21.93
C THR B 212 7.42 12.65 22.38
N SER B 213 7.74 11.43 22.79
CA SER B 213 6.73 10.38 23.06
C SER B 213 5.72 10.15 21.96
N GLU B 214 6.10 10.25 20.73
CA GLU B 214 5.17 9.98 19.69
C GLU B 214 5.89 9.26 18.56
N TYR B 215 5.13 8.46 17.82
CA TYR B 215 5.62 7.82 16.66
C TYR B 215 5.90 8.93 15.61
N PRO B 216 7.09 8.92 15.02
CA PRO B 216 7.36 9.80 13.91
C PRO B 216 6.36 9.60 12.74
N TYR B 217 6.02 10.67 12.05
CA TYR B 217 5.08 10.61 10.93
C TYR B 217 3.68 10.11 11.26
N SER B 218 3.25 10.30 12.48
CA SER B 218 1.90 9.99 12.92
C SER B 218 0.82 10.84 12.18
N GLU B 219 1.16 12.02 11.70
CA GLU B 219 0.31 12.78 10.79
C GLU B 219 -0.04 12.04 9.45
N CYS B 220 0.74 11.03 9.04
CA CYS B 220 0.57 10.34 7.77
C CYS B 220 -0.42 9.24 7.91
N GLN B 221 -1.28 9.12 6.91
CA GLN B 221 -2.43 8.19 7.03
C GLN B 221 -2.11 6.78 6.62
N ASN B 222 -1.03 6.58 5.84
CA ASN B 222 -0.54 5.29 5.45
C ASN B 222 0.97 5.27 5.15
N ALA B 223 1.50 4.09 4.91
CA ALA B 223 2.93 3.84 4.63
C ALA B 223 3.39 4.49 3.33
N ALA B 224 2.50 4.59 2.34
CA ALA B 224 2.78 5.28 1.09
C ALA B 224 3.02 6.75 1.27
N GLN B 225 2.27 7.38 2.16
CA GLN B 225 2.50 8.80 2.47
C GLN B 225 3.85 9.02 3.14
N ILE B 226 4.21 8.09 4.01
CA ILE B 226 5.52 8.20 4.63
C ILE B 226 6.59 8.14 3.59
N TYR B 227 6.49 7.14 2.74
CA TYR B 227 7.47 6.94 1.62
C TYR B 227 7.63 8.21 0.78
N ARG B 228 6.51 8.83 0.42
CA ARG B 228 6.58 10.02 -0.41
C ARG B 228 7.31 11.18 0.35
N ARG B 229 7.05 11.33 1.64
CA ARG B 229 7.74 12.35 2.43
C ARG B 229 9.22 12.14 2.65
N VAL B 230 9.55 10.97 3.16
CA VAL B 230 10.91 10.62 3.40
C VAL B 230 11.79 10.69 2.14
N THR B 231 11.28 10.24 0.99
CA THR B 231 12.11 10.25 -0.18
C THR B 231 12.14 11.67 -0.79
N SER B 232 11.24 12.56 -0.37
CA SER B 232 11.31 14.01 -0.73
C SER B 232 12.05 14.85 0.30
N GLY B 233 12.56 14.22 1.37
CA GLY B 233 13.33 14.96 2.37
C GLY B 233 12.44 15.75 3.31
N VAL B 234 11.15 15.40 3.40
CA VAL B 234 10.27 16.11 4.25
C VAL B 234 10.32 15.42 5.64
N LYS B 235 10.74 16.15 6.67
CA LYS B 235 10.83 15.60 8.03
C LYS B 235 9.49 15.33 8.66
N PRO B 236 9.47 14.42 9.65
CA PRO B 236 8.27 14.32 10.43
C PRO B 236 7.95 15.64 11.16
N ALA B 237 6.65 15.91 11.36
CA ALA B 237 6.16 17.09 12.13
C ALA B 237 6.68 17.14 13.58
N SER B 238 6.89 15.98 14.21
CA SER B 238 7.32 15.95 15.60
C SER B 238 8.72 16.52 15.73
N PHE B 239 9.50 16.56 14.67
CA PHE B 239 10.81 17.14 14.71
C PHE B 239 10.83 18.55 15.27
N ASP B 240 9.86 19.38 14.90
CA ASP B 240 9.78 20.71 15.53
C ASP B 240 9.21 20.80 16.97
N LYS B 241 8.68 19.70 17.52
CA LYS B 241 8.27 19.59 18.90
C LYS B 241 9.43 19.16 19.86
N VAL B 242 10.66 19.09 19.37
CA VAL B 242 11.80 18.64 20.20
C VAL B 242 12.23 19.82 21.03
N ALA B 243 12.19 19.62 22.33
CA ALA B 243 12.32 20.70 23.33
C ALA B 243 13.75 21.02 23.75
N ILE B 244 14.68 20.09 23.54
CA ILE B 244 16.06 20.28 23.95
C ILE B 244 16.87 20.48 22.71
N PRO B 245 17.48 21.66 22.56
CA PRO B 245 18.21 21.99 21.37
C PRO B 245 19.33 21.05 20.95
N GLU B 246 20.16 20.60 21.88
CA GLU B 246 21.20 19.61 21.54
C GLU B 246 20.60 18.33 20.94
N VAL B 247 19.49 17.83 21.51
CA VAL B 247 18.84 16.62 21.01
C VAL B 247 18.30 16.85 19.59
N LYS B 248 17.68 18.01 19.36
CA LYS B 248 17.15 18.35 18.06
C LYS B 248 18.28 18.34 17.01
N GLU B 249 19.40 18.97 17.38
CA GLU B 249 20.62 18.96 16.56
C GLU B 249 21.14 17.52 16.20
N ILE B 250 21.24 16.66 17.18
CA ILE B 250 21.65 15.28 16.96
C ILE B 250 20.66 14.57 16.00
N ILE B 251 19.38 14.67 16.28
CA ILE B 251 18.36 14.10 15.37
C ILE B 251 18.52 14.57 13.94
N GLU B 252 18.63 15.89 13.78
CA GLU B 252 18.84 16.51 12.50
C GLU B 252 20.02 15.90 11.74
N GLY B 253 21.15 15.71 12.41
CA GLY B 253 22.29 15.09 11.79
C GLY B 253 22.23 13.60 11.52
N CYS B 254 21.37 12.89 12.21
CA CYS B 254 21.11 11.51 11.94
C CYS B 254 20.16 11.28 10.74
N ILE B 255 19.18 12.14 10.56
CA ILE B 255 18.10 11.81 9.60
C ILE B 255 18.22 12.54 8.27
N ARG B 256 19.44 12.93 7.92
CA ARG B 256 19.70 13.71 6.72
C ARG B 256 19.47 12.80 5.54
N GLN B 257 18.92 13.37 4.46
CA GLN B 257 18.46 12.56 3.34
C GLN B 257 19.63 11.90 2.66
N ASN B 258 20.75 12.62 2.57
CA ASN B 258 21.95 12.08 1.96
C ASN B 258 22.75 11.41 3.02
N LYS B 259 22.85 10.10 2.89
CA LYS B 259 23.56 9.28 3.87
C LYS B 259 24.97 9.72 4.19
N ASP B 260 25.68 10.26 3.21
CA ASP B 260 27.07 10.68 3.40
C ASP B 260 27.22 11.93 4.26
N GLU B 261 26.16 12.65 4.57
CA GLU B 261 26.28 13.75 5.52
C GLU B 261 25.74 13.42 6.92
N ARG B 262 25.36 12.15 7.19
CA ARG B 262 24.83 11.78 8.51
C ARG B 262 25.96 11.66 9.47
N TYR B 263 25.70 11.97 10.72
CA TYR B 263 26.63 11.61 11.78
C TYR B 263 27.16 10.18 11.68
N SER B 264 28.41 10.00 12.05
CA SER B 264 28.95 8.67 12.38
C SER B 264 28.62 8.32 13.83
N ILE B 265 28.69 7.05 14.18
CA ILE B 265 28.48 6.64 15.57
C ILE B 265 29.57 7.20 16.47
N LYS B 266 30.77 7.20 15.95
CA LYS B 266 31.87 7.79 16.69
C LYS B 266 31.60 9.27 17.05
N ASP B 267 31.25 10.07 16.04
CA ASP B 267 30.83 11.51 16.24
C ASP B 267 29.76 11.59 17.31
N LEU B 268 28.73 10.72 17.21
CA LEU B 268 27.63 10.82 18.18
C LEU B 268 28.15 10.58 19.62
N LEU B 269 28.98 9.56 19.78
CA LEU B 269 29.46 9.21 21.13
C LEU B 269 30.32 10.29 21.72
N ASN B 270 31.00 11.04 20.86
CA ASN B 270 31.82 12.18 21.30
C ASN B 270 31.05 13.49 21.52
N HIS B 271 29.80 13.52 21.10
CA HIS B 271 29.09 14.75 21.12
C HIS B 271 28.87 15.15 22.56
N ALA B 272 28.74 16.46 22.77
CA ALA B 272 28.70 17.01 24.12
C ALA B 272 27.53 16.51 24.94
N PHE B 273 26.38 16.45 24.28
CA PHE B 273 25.20 15.86 24.87
C PHE B 273 25.42 14.54 25.59
N PHE B 274 26.23 13.65 25.01
CA PHE B 274 26.46 12.31 25.54
C PHE B 274 27.66 12.25 26.50
N GLN B 275 28.40 13.35 26.62
CA GLN B 275 29.73 13.32 27.18
C GLN B 275 29.63 13.78 28.59
N GLU B 276 29.12 15.00 28.75
CA GLU B 276 28.82 15.51 30.07
C GLU B 276 28.22 14.39 30.97
N GLU B 277 28.80 14.32 32.18
CA GLU B 277 28.81 13.18 33.12
C GLU B 277 29.61 12.01 32.58
#